data_2XNO
#
_entry.id   2XNO
#
_cell.length_a   101.050
_cell.length_b   56.880
_cell.length_c   81.340
_cell.angle_alpha   90.00
_cell.angle_beta   133.46
_cell.angle_gamma   90.00
#
_symmetry.space_group_name_H-M   'C 1 2 1'
#
loop_
_entity.id
_entity.type
_entity.pdbx_description
1 polymer 'SERINE/THREONINE-PROTEIN KINASE NEK2'
2 non-polymer 5-{6-[(1-methylpiperidin-4-yl)oxy]-1H-benzimidazol-1-yl}-3-{[2-(trifluoromethyl)benzyl]oxy}thiophene-2-carboxamide
3 non-polymer 'CHLORIDE ION'
4 non-polymer 1,2-ETHANEDIOL
5 non-polymer GLYCEROL
6 non-polymer 'DIMETHYL SULFOXIDE'
7 water water
#
_entity_poly.entity_id   1
_entity_poly.type   'polypeptide(L)'
_entity_poly.pdbx_seq_one_letter_code
;MPSRAEDYEVLYTIGTGSYGRCQKIRRKSDGKILVWKELDYGSMTEAEKQMLVSEVNLLRELKHPNIVRYYDRIIDRTNT
TLYIVMEYCEGGDLASVITKGTKERQYLDEEFVLRVMTQLTLALKECHRRSDGGHTVLHRDLKPANVFLDGKQNVKLGDF
GLARILNHDTSFAKTFVGTPYYMSPEQMNRMSYNEKSDIWSLGCLLYELCALMPPFTAFSQKELAGKIREGKFRRIPYRY
SDELNEIITRMLNLKDYHRPSVEEILENPLILEHHHHHH
;
_entity_poly.pdbx_strand_id   A
#
loop_
_chem_comp.id
_chem_comp.type
_chem_comp.name
_chem_comp.formula
CL non-polymer 'CHLORIDE ION' 'Cl -1'
DMS non-polymer 'DIMETHYL SULFOXIDE' 'C2 H6 O S'
ED8 non-polymer 5-{6-[(1-methylpiperidin-4-yl)oxy]-1H-benzimidazol-1-yl}-3-{[2-(trifluoromethyl)benzyl]oxy}thiophene-2-carboxamide 'C26 H25 F3 N4 O3 S'
EDO non-polymer 1,2-ETHANEDIOL 'C2 H6 O2'
GOL non-polymer GLYCEROL 'C3 H8 O3'
#
# COMPACT_ATOMS: atom_id res chain seq x y z
N SER A 3 -23.87 -11.50 7.19
CA SER A 3 -23.01 -11.47 8.37
C SER A 3 -23.11 -12.76 9.19
N ARG A 4 -23.19 -13.88 8.48
CA ARG A 4 -22.89 -15.18 9.04
C ARG A 4 -21.89 -15.86 8.12
N ALA A 5 -20.99 -16.65 8.70
CA ALA A 5 -19.98 -17.36 7.91
C ALA A 5 -20.63 -18.19 6.80
N GLU A 6 -21.81 -18.74 7.07
CA GLU A 6 -22.50 -19.59 6.11
C GLU A 6 -22.95 -18.83 4.86
N ASP A 7 -22.91 -17.51 4.91
CA ASP A 7 -23.26 -16.67 3.78
C ASP A 7 -22.18 -16.72 2.69
N TYR A 8 -21.05 -17.33 3.02
CA TYR A 8 -19.90 -17.35 2.12
C TYR A 8 -19.37 -18.75 2.01
N GLU A 9 -18.70 -19.04 0.89
CA GLU A 9 -18.00 -20.29 0.74
C GLU A 9 -16.53 -20.05 0.42
N VAL A 10 -15.64 -20.64 1.21
CA VAL A 10 -14.22 -20.48 1.00
C VAL A 10 -13.81 -21.23 -0.25
N LEU A 11 -13.07 -20.57 -1.14
CA LEU A 11 -12.58 -21.22 -2.34
C LEU A 11 -11.21 -21.84 -2.08
N TYR A 12 -10.29 -21.05 -1.54
CA TYR A 12 -8.99 -21.53 -1.14
C TYR A 12 -8.21 -20.45 -0.39
N THR A 13 -7.10 -20.86 0.21
CA THR A 13 -6.27 -19.96 0.99
C THR A 13 -5.27 -19.25 0.08
N ILE A 14 -5.18 -17.94 0.25
CA ILE A 14 -4.28 -17.10 -0.54
C ILE A 14 -2.96 -16.96 0.18
N GLY A 15 -3.04 -16.76 1.48
CA GLY A 15 -1.85 -16.52 2.28
C GLY A 15 -2.07 -16.91 3.72
N THR A 16 -0.96 -17.13 4.42
CA THR A 16 -1.01 -17.44 5.85
C THR A 16 0.04 -16.56 6.51
N GLY A 17 0.21 -16.72 7.82
CA GLY A 17 1.24 -16.00 8.53
C GLY A 17 0.83 -15.51 9.89
N SER A 18 1.34 -14.34 10.26
CA SER A 18 1.17 -13.77 11.59
C SER A 18 -0.30 -13.71 12.02
N TYR A 19 -1.11 -12.98 11.25
CA TYR A 19 -2.50 -12.76 11.62
C TYR A 19 -3.46 -13.71 10.89
N GLY A 20 -3.44 -14.99 11.27
CA GLY A 20 -4.30 -15.99 10.67
C GLY A 20 -4.16 -16.12 9.16
N ARG A 21 -5.22 -16.63 8.51
CA ARG A 21 -5.20 -16.85 7.05
C ARG A 21 -5.95 -15.78 6.27
N CYS A 22 -5.54 -15.59 5.02
CA CYS A 22 -6.30 -14.77 4.08
C CYS A 22 -6.81 -15.76 3.03
N GLN A 23 -8.12 -15.75 2.79
CA GLN A 23 -8.72 -16.73 1.89
C GLN A 23 -9.60 -16.05 0.86
N LYS A 24 -9.63 -16.63 -0.33
CA LYS A 24 -10.50 -16.15 -1.39
C LYS A 24 -11.82 -16.84 -1.18
N ILE A 25 -12.89 -16.06 -1.16
CA ILE A 25 -14.22 -16.59 -0.86
C ILE A 25 -15.24 -16.14 -1.89
N ARG A 26 -16.41 -16.76 -1.84
CA ARG A 26 -17.50 -16.37 -2.73
C ARG A 26 -18.78 -16.15 -1.94
N ARG A 27 -19.34 -14.96 -2.08
CA ARG A 27 -20.60 -14.62 -1.43
C ARG A 27 -21.73 -15.41 -2.08
N LYS A 28 -22.46 -16.20 -1.27
CA LYS A 28 -23.49 -17.07 -1.80
C LYS A 28 -24.62 -16.30 -2.48
N SER A 29 -25.03 -15.19 -1.87
CA SER A 29 -26.18 -14.45 -2.37
C SER A 29 -26.08 -14.13 -3.87
N ASP A 30 -24.91 -13.71 -4.32
CA ASP A 30 -24.77 -13.25 -5.70
C ASP A 30 -23.51 -13.73 -6.43
N GLY A 31 -22.73 -14.58 -5.78
CA GLY A 31 -21.51 -15.12 -6.38
C GLY A 31 -20.31 -14.17 -6.43
N LYS A 32 -20.39 -13.05 -5.73
CA LYS A 32 -19.28 -12.10 -5.77
C LYS A 32 -18.04 -12.67 -5.10
N ILE A 33 -16.91 -12.53 -5.78
CA ILE A 33 -15.62 -12.96 -5.24
C ILE A 33 -15.02 -11.91 -4.31
N LEU A 34 -14.70 -12.33 -3.09
CA LEU A 34 -14.16 -11.43 -2.07
C LEU A 34 -12.96 -12.11 -1.44
N VAL A 35 -12.36 -11.47 -0.44
CA VAL A 35 -11.43 -12.18 0.41
C VAL A 35 -11.84 -11.99 1.86
N TRP A 36 -11.36 -12.84 2.74
CA TRP A 36 -11.45 -12.55 4.17
C TRP A 36 -10.18 -12.88 4.92
N LYS A 37 -9.97 -12.13 5.99
CA LYS A 37 -8.88 -12.39 6.91
C LYS A 37 -9.47 -13.11 8.11
N GLU A 38 -8.87 -14.25 8.43
CA GLU A 38 -9.34 -15.12 9.51
C GLU A 38 -8.50 -14.88 10.74
N LEU A 39 -9.07 -14.23 11.76
CA LEU A 39 -8.32 -13.89 12.97
C LEU A 39 -8.80 -14.70 14.17
N ASP A 40 -7.85 -15.23 14.94
CA ASP A 40 -8.18 -15.92 16.19
C ASP A 40 -7.97 -14.96 17.34
N TYR A 41 -9.06 -14.52 17.96
CA TYR A 41 -8.97 -13.56 19.06
C TYR A 41 -9.02 -14.26 20.41
N GLY A 42 -8.96 -15.59 20.38
CA GLY A 42 -9.11 -16.41 21.57
C GLY A 42 -8.18 -16.05 22.71
N SER A 43 -6.98 -15.60 22.40
CA SER A 43 -5.98 -15.29 23.41
C SER A 43 -5.97 -13.81 23.76
N MET A 44 -6.95 -13.08 23.24
CA MET A 44 -7.01 -11.65 23.45
C MET A 44 -7.69 -11.26 24.75
N THR A 45 -7.17 -10.21 25.39
CA THR A 45 -7.80 -9.63 26.55
C THR A 45 -8.98 -8.79 26.09
N GLU A 46 -9.84 -8.37 27.03
CA GLU A 46 -10.93 -7.49 26.68
C GLU A 46 -10.38 -6.18 26.12
N ALA A 47 -9.27 -5.72 26.69
CA ALA A 47 -8.60 -4.50 26.21
C ALA A 47 -8.27 -4.62 24.73
N GLU A 48 -7.53 -5.67 24.38
CA GLU A 48 -7.12 -5.90 23.01
C GLU A 48 -8.31 -6.02 22.06
N LYS A 49 -9.30 -6.81 22.45
CA LYS A 49 -10.50 -6.99 21.63
C LYS A 49 -11.20 -5.64 21.43
N GLN A 50 -11.15 -4.79 22.45
CA GLN A 50 -11.69 -3.44 22.39
C GLN A 50 -11.00 -2.62 21.30
N MET A 51 -9.67 -2.61 21.33
CA MET A 51 -8.91 -1.89 20.32
C MET A 51 -9.24 -2.45 18.93
N LEU A 52 -9.46 -3.76 18.88
CA LEU A 52 -9.82 -4.41 17.61
C LEU A 52 -11.14 -3.88 17.06
N VAL A 53 -12.14 -3.75 17.93
CA VAL A 53 -13.45 -3.24 17.54
C VAL A 53 -13.38 -1.84 16.96
N SER A 54 -12.61 -0.98 17.61
CA SER A 54 -12.50 0.41 17.19
C SER A 54 -11.84 0.52 15.81
N GLU A 55 -10.82 -0.31 15.55
CA GLU A 55 -10.16 -0.23 14.26
C GLU A 55 -11.06 -0.75 13.13
N VAL A 56 -11.77 -1.84 13.38
CA VAL A 56 -12.71 -2.38 12.41
C VAL A 56 -13.80 -1.37 12.08
N ASN A 57 -14.24 -0.62 13.08
CA ASN A 57 -15.22 0.44 12.89
C ASN A 57 -14.75 1.55 11.96
N LEU A 58 -13.48 1.94 12.09
CA LEU A 58 -12.90 2.98 11.25
C LEU A 58 -12.72 2.45 9.82
N LEU A 59 -12.40 1.16 9.74
CA LEU A 59 -12.25 0.46 8.47
C LEU A 59 -13.53 0.59 7.66
N ARG A 60 -14.66 0.58 8.35
CA ARG A 60 -15.95 0.74 7.69
C ARG A 60 -16.15 2.17 7.18
N GLU A 61 -15.38 3.13 7.69
CA GLU A 61 -15.56 4.53 7.33
C GLU A 61 -14.97 4.93 5.98
N LEU A 62 -13.88 4.28 5.58
CA LEU A 62 -13.17 4.64 4.36
C LEU A 62 -13.79 4.02 3.11
N LYS A 63 -14.36 4.86 2.26
CA LYS A 63 -14.92 4.44 0.98
C LYS A 63 -14.38 5.32 -0.15
N HIS A 64 -13.61 4.72 -1.05
CA HIS A 64 -12.88 5.45 -2.08
C HIS A 64 -12.39 4.42 -3.10
N PRO A 65 -12.37 4.77 -4.40
CA PRO A 65 -12.02 3.77 -5.42
C PRO A 65 -10.56 3.29 -5.32
N ASN A 66 -9.70 4.12 -4.74
CA ASN A 66 -8.30 3.77 -4.58
C ASN A 66 -7.91 3.28 -3.17
N ILE A 67 -8.92 2.94 -2.37
CA ILE A 67 -8.71 2.29 -1.07
C ILE A 67 -9.44 0.95 -1.02
N VAL A 68 -8.78 -0.10 -0.50
CA VAL A 68 -9.37 -1.42 -0.49
C VAL A 68 -10.65 -1.34 0.31
N ARG A 69 -11.75 -1.79 -0.27
CA ARG A 69 -13.05 -1.62 0.34
C ARG A 69 -13.34 -2.71 1.36
N TYR A 70 -13.83 -2.31 2.52
CA TYR A 70 -14.26 -3.23 3.55
C TYR A 70 -15.71 -3.62 3.26
N TYR A 71 -16.05 -4.88 3.49
CA TYR A 71 -17.40 -5.36 3.17
C TYR A 71 -18.22 -5.81 4.36
N ASP A 72 -17.56 -6.44 5.34
CA ASP A 72 -18.32 -7.17 6.35
C ASP A 72 -17.37 -7.62 7.45
N ARG A 73 -17.94 -7.92 8.61
CA ARG A 73 -17.21 -8.54 9.69
C ARG A 73 -18.10 -9.65 10.24
N ILE A 74 -17.52 -10.81 10.48
CA ILE A 74 -18.28 -11.96 10.99
C ILE A 74 -17.62 -12.52 12.24
N ILE A 75 -18.38 -12.55 13.33
CA ILE A 75 -17.90 -13.14 14.58
C ILE A 75 -18.31 -14.60 14.70
N ASP A 76 -17.34 -15.47 14.99
CA ASP A 76 -17.60 -16.89 15.18
C ASP A 76 -17.12 -17.32 16.58
N ARG A 77 -17.88 -16.93 17.60
CA ARG A 77 -17.48 -17.14 19.00
C ARG A 77 -17.16 -18.59 19.33
N THR A 78 -17.66 -19.52 18.52
CA THR A 78 -17.41 -20.93 18.74
C THR A 78 -15.93 -21.28 18.58
N ASN A 79 -15.29 -20.68 17.58
CA ASN A 79 -13.87 -20.92 17.34
C ASN A 79 -13.04 -19.70 17.73
N THR A 80 -13.69 -18.74 18.38
CA THR A 80 -13.08 -17.46 18.71
C THR A 80 -12.35 -16.89 17.49
N THR A 81 -12.96 -17.02 16.32
CA THR A 81 -12.41 -16.44 15.10
C THR A 81 -13.25 -15.26 14.61
N LEU A 82 -12.57 -14.21 14.16
CA LEU A 82 -13.23 -13.08 13.53
C LEU A 82 -12.79 -13.02 12.06
N TYR A 83 -13.76 -12.93 11.15
CA TYR A 83 -13.46 -12.82 9.72
C TYR A 83 -13.70 -11.39 9.25
N ILE A 84 -12.70 -10.78 8.63
CA ILE A 84 -12.92 -9.48 8.04
C ILE A 84 -12.97 -9.64 6.53
N VAL A 85 -14.09 -9.27 5.93
CA VAL A 85 -14.35 -9.46 4.51
C VAL A 85 -14.03 -8.19 3.72
N MET A 86 -13.14 -8.33 2.74
CA MET A 86 -12.79 -7.18 1.91
CA MET A 86 -12.66 -7.21 1.93
C MET A 86 -12.72 -7.50 0.44
N GLU A 87 -12.54 -6.45 -0.35
CA GLU A 87 -12.46 -6.51 -1.79
C GLU A 87 -11.35 -7.47 -2.22
N TYR A 88 -11.60 -8.28 -3.25
CA TYR A 88 -10.55 -9.10 -3.88
C TYR A 88 -9.79 -8.32 -4.97
N CYS A 89 -8.48 -8.26 -4.86
CA CYS A 89 -7.64 -7.59 -5.84
C CYS A 89 -6.80 -8.61 -6.64
N GLU A 90 -7.29 -8.98 -7.82
CA GLU A 90 -6.74 -10.13 -8.53
C GLU A 90 -5.28 -9.95 -8.93
N GLY A 91 -4.82 -8.70 -9.05
CA GLY A 91 -3.47 -8.44 -9.49
C GLY A 91 -2.46 -8.58 -8.37
N GLY A 92 -2.95 -8.77 -7.14
CA GLY A 92 -2.06 -8.96 -6.00
C GLY A 92 -1.43 -7.67 -5.49
N ASP A 93 -0.34 -7.80 -4.74
CA ASP A 93 0.32 -6.64 -4.14
C ASP A 93 1.52 -6.18 -4.95
N LEU A 94 1.96 -4.95 -4.69
CA LEU A 94 3.08 -4.35 -5.42
C LEU A 94 4.44 -4.96 -5.06
N ALA A 95 4.59 -5.45 -3.84
CA ALA A 95 5.87 -6.09 -3.47
C ALA A 95 6.12 -7.31 -4.37
N SER A 96 5.05 -8.08 -4.64
CA SER A 96 5.17 -9.23 -5.52
C SER A 96 5.55 -8.81 -6.92
N VAL A 97 4.98 -7.70 -7.38
CA VAL A 97 5.29 -7.18 -8.70
C VAL A 97 6.79 -6.78 -8.82
N ILE A 98 7.30 -6.10 -7.80
CA ILE A 98 8.69 -5.66 -7.78
C ILE A 98 9.63 -6.86 -7.69
N THR A 99 9.35 -7.75 -6.75
CA THR A 99 10.13 -8.98 -6.59
C THR A 99 10.15 -9.73 -7.91
N LYS A 100 9.00 -9.90 -8.52
CA LYS A 100 8.92 -10.50 -9.82
C LYS A 100 9.84 -9.81 -10.82
N GLY A 101 9.74 -8.49 -10.92
CA GLY A 101 10.58 -7.74 -11.85
C GLY A 101 12.07 -7.91 -11.55
N THR A 102 12.41 -7.96 -10.26
CA THR A 102 13.80 -8.08 -9.84
C THR A 102 14.36 -9.43 -10.28
N LYS A 103 13.57 -10.47 -10.07
CA LYS A 103 14.02 -11.84 -10.35
C LYS A 103 14.05 -12.14 -11.83
N GLU A 104 13.05 -11.65 -12.56
CA GLU A 104 12.97 -11.82 -14.02
C GLU A 104 13.85 -10.84 -14.78
N ARG A 105 14.41 -9.86 -14.09
CA ARG A 105 15.15 -8.79 -14.76
C ARG A 105 14.33 -8.06 -15.84
N GLN A 106 13.15 -7.59 -15.49
CA GLN A 106 12.32 -6.85 -16.42
C GLN A 106 11.72 -5.61 -15.72
N TYR A 107 12.09 -4.41 -16.18
CA TYR A 107 11.59 -3.16 -15.62
C TYR A 107 10.11 -2.94 -16.00
N LEU A 108 9.38 -2.24 -15.14
CA LEU A 108 7.97 -1.95 -15.37
CA LEU A 108 7.97 -1.95 -15.36
C LEU A 108 7.79 -0.79 -16.36
N ASP A 109 6.68 -0.82 -17.09
CA ASP A 109 6.33 0.26 -18.05
C ASP A 109 6.18 1.62 -17.34
N GLU A 110 6.63 2.70 -17.97
CA GLU A 110 6.38 4.03 -17.42
C GLU A 110 4.88 4.23 -17.20
N GLU A 111 4.07 3.73 -18.13
CA GLU A 111 2.63 3.91 -18.00
C GLU A 111 2.11 3.31 -16.70
N PHE A 112 2.65 2.16 -16.31
CA PHE A 112 2.24 1.53 -15.06
C PHE A 112 2.65 2.35 -13.83
N VAL A 113 3.88 2.85 -13.84
CA VAL A 113 4.34 3.70 -12.74
C VAL A 113 3.46 4.97 -12.60
N LEU A 114 3.06 5.57 -13.72
CA LEU A 114 2.20 6.76 -13.69
C LEU A 114 0.83 6.42 -13.12
N ARG A 115 0.32 5.24 -13.45
CA ARG A 115 -0.92 4.77 -12.85
C ARG A 115 -0.84 4.66 -11.32
N VAL A 116 0.24 4.07 -10.84
CA VAL A 116 0.44 3.92 -9.40
C VAL A 116 0.61 5.29 -8.74
N MET A 117 1.45 6.16 -9.33
CA MET A 117 1.61 7.51 -8.79
C MET A 117 0.28 8.27 -8.64
N THR A 118 -0.49 8.29 -9.72
CA THR A 118 -1.76 9.01 -9.77
C THR A 118 -2.73 8.46 -8.73
N GLN A 119 -2.92 7.14 -8.76
CA GLN A 119 -3.96 6.54 -7.92
C GLN A 119 -3.59 6.50 -6.44
N LEU A 120 -2.32 6.23 -6.13
CA LEU A 120 -1.88 6.30 -4.74
C LEU A 120 -1.89 7.72 -4.17
N THR A 121 -1.53 8.70 -5.00
CA THR A 121 -1.59 10.09 -4.54
C THR A 121 -3.01 10.46 -4.15
N LEU A 122 -3.97 10.04 -4.95
CA LEU A 122 -5.38 10.25 -4.62
C LEU A 122 -5.79 9.47 -3.36
N ALA A 123 -5.31 8.25 -3.21
CA ALA A 123 -5.58 7.52 -1.97
C ALA A 123 -5.05 8.31 -0.76
N LEU A 124 -3.82 8.80 -0.89
CA LEU A 124 -3.24 9.64 0.16
C LEU A 124 -4.05 10.90 0.42
N LYS A 125 -4.48 11.53 -0.66
CA LYS A 125 -5.26 12.75 -0.55
C LYS A 125 -6.48 12.49 0.31
N GLU A 126 -7.12 11.34 0.13
CA GLU A 126 -8.29 10.99 0.91
C GLU A 126 -7.96 10.76 2.39
N CYS A 127 -6.88 10.03 2.66
CA CYS A 127 -6.44 9.79 4.05
C CYS A 127 -6.21 11.09 4.80
N HIS A 128 -5.48 12.00 4.16
CA HIS A 128 -5.13 13.27 4.79
C HIS A 128 -6.39 14.06 5.17
N ARG A 129 -7.44 13.89 4.38
CA ARG A 129 -8.70 14.56 4.63
C ARG A 129 -9.33 14.06 5.93
N ARG A 130 -9.36 12.75 6.11
CA ARG A 130 -9.98 12.12 7.27
C ARG A 130 -9.40 12.59 8.61
N SER A 131 -8.12 12.30 8.84
CA SER A 131 -7.45 12.59 10.11
C SER A 131 -8.30 13.37 11.11
N ARG A 140 -0.98 4.78 7.83
CA ARG A 140 -1.28 3.74 6.85
C ARG A 140 -0.16 3.60 5.85
N ASP A 141 0.82 2.76 6.19
CA ASP A 141 2.09 2.68 5.48
C ASP A 141 1.98 2.49 3.98
N LEU A 142 2.81 3.25 3.26
CA LEU A 142 2.86 3.22 1.82
C LEU A 142 3.94 2.27 1.36
N LYS A 143 3.94 1.06 1.90
CA LYS A 143 4.88 0.04 1.48
C LYS A 143 4.28 -0.81 0.36
N PRO A 144 5.13 -1.33 -0.53
CA PRO A 144 4.61 -2.08 -1.66
C PRO A 144 3.67 -3.22 -1.23
N ALA A 145 3.97 -3.90 -0.13
CA ALA A 145 3.13 -5.02 0.30
C ALA A 145 1.72 -4.59 0.67
N ASN A 146 1.51 -3.28 0.78
CA ASN A 146 0.20 -2.79 1.20
C ASN A 146 -0.54 -2.09 0.05
N VAL A 147 -0.05 -2.27 -1.15
CA VAL A 147 -0.68 -1.66 -2.33
C VAL A 147 -1.09 -2.77 -3.28
N PHE A 148 -2.37 -2.78 -3.62
CA PHE A 148 -2.95 -3.84 -4.40
C PHE A 148 -3.46 -3.39 -5.77
N LEU A 149 -3.57 -4.35 -6.69
CA LEU A 149 -4.00 -4.12 -8.05
C LEU A 149 -5.23 -4.98 -8.32
N ASP A 150 -6.28 -4.41 -8.91
CA ASP A 150 -7.45 -5.21 -9.29
C ASP A 150 -7.29 -5.72 -10.73
N GLY A 151 -8.37 -6.15 -11.35
CA GLY A 151 -8.28 -6.70 -12.70
C GLY A 151 -8.48 -5.70 -13.84
N LYS A 152 -8.54 -4.42 -13.49
CA LYS A 152 -8.92 -3.36 -14.41
C LYS A 152 -7.95 -2.17 -14.42
N GLN A 153 -6.70 -2.45 -14.03
CA GLN A 153 -5.63 -1.45 -13.99
C GLN A 153 -5.84 -0.42 -12.91
N ASN A 154 -6.57 -0.79 -11.87
CA ASN A 154 -6.79 0.11 -10.77
C ASN A 154 -5.86 -0.24 -9.63
N VAL A 155 -5.51 0.76 -8.84
CA VAL A 155 -4.56 0.59 -7.74
C VAL A 155 -5.26 0.93 -6.43
N LYS A 156 -5.11 0.09 -5.41
CA LYS A 156 -5.81 0.31 -4.14
C LYS A 156 -4.90 0.20 -2.94
N LEU A 157 -5.02 1.17 -2.04
CA LEU A 157 -4.23 1.19 -0.83
C LEU A 157 -4.95 0.37 0.24
N GLY A 158 -4.27 -0.61 0.79
CA GLY A 158 -4.84 -1.41 1.86
C GLY A 158 -4.60 -0.81 3.24
N ASP A 159 -5.30 -1.32 4.25
CA ASP A 159 -5.01 -0.93 5.61
C ASP A 159 -4.01 -1.94 6.14
N PHE A 160 -3.68 -1.85 7.43
CA PHE A 160 -2.76 -2.81 8.02
C PHE A 160 -2.54 -2.52 9.49
N PHE A 176 10.76 -4.70 13.83
CA PHE A 176 12.06 -4.68 14.48
C PHE A 176 13.15 -5.25 13.58
N VAL A 177 12.95 -6.49 13.13
CA VAL A 177 13.89 -7.14 12.24
C VAL A 177 14.06 -6.33 10.95
N GLY A 178 12.94 -5.82 10.44
CA GLY A 178 12.93 -5.15 9.15
C GLY A 178 13.75 -3.87 9.09
N THR A 179 14.24 -3.56 7.89
CA THR A 179 14.94 -2.32 7.65
C THR A 179 13.92 -1.28 7.19
N PRO A 180 13.90 -0.11 7.83
CA PRO A 180 12.92 0.94 7.53
C PRO A 180 13.33 1.73 6.28
N TYR A 181 13.32 1.09 5.13
CA TYR A 181 13.80 1.74 3.89
C TYR A 181 13.12 3.07 3.58
N TYR A 182 11.85 3.20 3.94
CA TYR A 182 11.05 4.38 3.57
C TYR A 182 10.97 5.46 4.65
N MET A 183 11.73 5.29 5.73
CA MET A 183 11.77 6.25 6.82
C MET A 183 12.22 7.62 6.30
N SER A 184 11.40 8.65 6.49
CA SER A 184 11.76 10.02 6.07
C SER A 184 12.79 10.65 7.01
N PRO A 185 13.52 11.66 6.51
CA PRO A 185 14.55 12.35 7.31
C PRO A 185 14.01 12.89 8.63
N GLU A 186 12.87 13.58 8.58
CA GLU A 186 12.29 14.17 9.79
C GLU A 186 11.81 13.09 10.77
N GLN A 187 11.31 11.99 10.23
CA GLN A 187 10.87 10.88 11.05
C GLN A 187 12.08 10.26 11.74
N MET A 188 13.18 10.23 11.01
CA MET A 188 14.45 9.73 11.53
C MET A 188 14.89 10.49 12.77
N ASN A 189 14.62 11.79 12.77
CA ASN A 189 14.89 12.65 13.91
C ASN A 189 13.58 13.10 14.56
N ARG A 190 12.58 12.23 14.49
CA ARG A 190 11.21 12.56 14.90
C ARG A 190 10.98 14.05 15.19
N ASN A 194 3.23 14.85 9.90
CA ASN A 194 3.69 15.61 8.74
C ASN A 194 3.21 14.96 7.43
N GLU A 195 2.29 15.61 6.75
CA GLU A 195 1.75 15.05 5.52
C GLU A 195 2.85 14.91 4.45
N LYS A 196 3.82 15.81 4.50
CA LYS A 196 4.94 15.74 3.55
C LYS A 196 5.83 14.52 3.78
N SER A 197 5.80 13.95 4.99
CA SER A 197 6.49 12.69 5.24
C SER A 197 5.87 11.57 4.43
N ASP A 198 4.56 11.62 4.22
CA ASP A 198 3.91 10.62 3.42
C ASP A 198 4.40 10.74 1.98
N ILE A 199 4.73 11.97 1.56
CA ILE A 199 5.16 12.19 0.18
C ILE A 199 6.53 11.56 -0.04
N TRP A 200 7.40 11.68 0.95
CA TRP A 200 8.70 11.02 0.92
C TRP A 200 8.52 9.51 0.74
N SER A 201 7.66 8.89 1.55
CA SER A 201 7.45 7.46 1.43
C SER A 201 6.89 7.08 0.05
N LEU A 202 5.97 7.89 -0.46
CA LEU A 202 5.48 7.66 -1.83
C LEU A 202 6.64 7.75 -2.83
N GLY A 203 7.49 8.76 -2.65
CA GLY A 203 8.70 8.86 -3.43
C GLY A 203 9.52 7.57 -3.44
N CYS A 204 9.77 7.00 -2.26
CA CYS A 204 10.57 5.77 -2.16
C CYS A 204 9.91 4.61 -2.88
N LEU A 205 8.59 4.50 -2.72
CA LEU A 205 7.81 3.44 -3.35
C LEU A 205 7.88 3.56 -4.87
N LEU A 206 7.61 4.76 -5.40
CA LEU A 206 7.67 4.95 -6.84
C LEU A 206 9.09 4.73 -7.37
N TYR A 207 10.08 5.17 -6.60
CA TYR A 207 11.47 4.92 -6.98
C TYR A 207 11.75 3.41 -7.10
N GLU A 208 11.30 2.65 -6.10
CA GLU A 208 11.59 1.22 -6.07
C GLU A 208 10.88 0.52 -7.23
N LEU A 209 9.68 0.99 -7.56
CA LEU A 209 8.96 0.46 -8.69
C LEU A 209 9.75 0.62 -9.98
N CYS A 210 10.42 1.77 -10.14
CA CYS A 210 11.20 2.06 -11.34
C CYS A 210 12.55 1.33 -11.33
N ALA A 211 13.24 1.39 -10.18
CA ALA A 211 14.64 0.93 -10.09
C ALA A 211 14.74 -0.54 -9.67
N LEU A 212 13.66 -1.03 -9.09
CA LEU A 212 13.59 -2.40 -8.57
C LEU A 212 14.50 -2.53 -7.37
N MET A 213 14.79 -1.38 -6.76
CA MET A 213 15.48 -1.33 -5.47
C MET A 213 15.13 0.01 -4.84
N PRO A 214 15.18 0.10 -3.50
CA PRO A 214 14.85 1.35 -2.80
C PRO A 214 15.96 2.36 -3.06
N PRO A 215 15.69 3.65 -2.88
CA PRO A 215 16.70 4.66 -3.21
C PRO A 215 17.88 4.62 -2.26
N PHE A 216 17.63 4.24 -1.00
CA PHE A 216 18.69 4.13 -0.01
C PHE A 216 18.74 2.69 0.50
N THR A 217 19.86 2.03 0.32
CA THR A 217 19.99 0.66 0.81
C THR A 217 21.16 0.60 1.78
N ALA A 218 21.10 -0.35 2.70
CA ALA A 218 22.13 -0.51 3.72
C ALA A 218 21.95 -1.86 4.41
N PHE A 219 22.94 -2.27 5.18
CA PHE A 219 22.85 -3.51 5.94
C PHE A 219 22.34 -3.30 7.37
N SER A 220 22.56 -2.10 7.90
CA SER A 220 22.10 -1.77 9.25
C SER A 220 21.33 -0.48 9.21
N GLN A 221 20.54 -0.20 10.24
CA GLN A 221 19.78 1.04 10.26
C GLN A 221 20.67 2.26 10.43
N LYS A 222 21.81 2.07 11.08
CA LYS A 222 22.74 3.17 11.27
C LYS A 222 23.29 3.62 9.91
N GLU A 223 23.68 2.65 9.09
CA GLU A 223 24.17 2.91 7.75
C GLU A 223 23.06 3.57 6.92
N LEU A 224 21.87 2.99 6.94
CA LEU A 224 20.72 3.54 6.24
C LEU A 224 20.49 5.01 6.58
N ALA A 225 20.51 5.33 7.87
CA ALA A 225 20.23 6.69 8.32
C ALA A 225 21.26 7.67 7.78
N GLY A 226 22.52 7.25 7.75
CA GLY A 226 23.57 8.08 7.17
C GLY A 226 23.28 8.42 5.71
N LYS A 227 22.91 7.41 4.92
CA LYS A 227 22.57 7.63 3.52
C LYS A 227 21.37 8.55 3.35
N ILE A 228 20.32 8.33 4.14
CA ILE A 228 19.13 9.17 4.04
C ILE A 228 19.47 10.64 4.33
N ARG A 229 20.35 10.87 5.31
CA ARG A 229 20.76 12.24 5.65
CA ARG A 229 20.77 12.23 5.65
C ARG A 229 21.54 12.92 4.53
N GLU A 230 22.32 12.15 3.78
CA GLU A 230 23.04 12.71 2.65
C GLU A 230 22.08 13.02 1.49
N GLY A 231 21.00 12.26 1.39
CA GLY A 231 19.96 12.50 0.39
C GLY A 231 20.36 12.25 -1.06
N LYS A 232 21.42 11.47 -1.26
CA LYS A 232 21.89 11.13 -2.61
C LYS A 232 21.42 9.74 -3.02
N PHE A 233 21.09 9.58 -4.30
CA PHE A 233 20.69 8.27 -4.82
C PHE A 233 20.91 8.23 -6.31
N ARG A 234 20.87 7.04 -6.91
CA ARG A 234 21.03 6.90 -8.34
C ARG A 234 19.80 7.48 -9.05
N ARG A 235 19.98 8.00 -10.26
CA ARG A 235 18.83 8.33 -11.09
C ARG A 235 18.06 7.03 -11.32
N ILE A 236 16.74 7.09 -11.45
CA ILE A 236 15.98 5.93 -11.95
C ILE A 236 16.49 5.57 -13.37
N PRO A 237 16.23 4.33 -13.81
CA PRO A 237 16.77 3.89 -15.11
C PRO A 237 16.42 4.83 -16.28
N TYR A 238 17.30 4.87 -17.28
CA TYR A 238 17.14 5.80 -18.39
C TYR A 238 15.92 5.54 -19.26
N ARG A 239 15.35 4.36 -19.16
CA ARG A 239 14.11 4.09 -19.87
C ARG A 239 12.98 5.01 -19.40
N TYR A 240 13.11 5.54 -18.20
CA TYR A 240 12.11 6.44 -17.63
C TYR A 240 12.39 7.90 -17.97
N SER A 241 11.33 8.64 -18.30
CA SER A 241 11.45 10.02 -18.77
C SER A 241 12.10 10.95 -17.74
N ASP A 242 12.77 11.98 -18.22
CA ASP A 242 13.29 13.03 -17.35
C ASP A 242 12.17 13.63 -16.47
N GLU A 243 10.96 13.72 -17.02
CA GLU A 243 9.84 14.27 -16.26
C GLU A 243 9.49 13.38 -15.05
N LEU A 244 9.47 12.08 -15.27
CA LEU A 244 9.17 11.15 -14.18
C LEU A 244 10.31 11.14 -13.15
N ASN A 245 11.55 11.07 -13.61
CA ASN A 245 12.68 11.20 -12.69
C ASN A 245 12.58 12.47 -11.84
N GLU A 246 12.19 13.58 -12.48
CA GLU A 246 12.13 14.86 -11.79
C GLU A 246 11.13 14.84 -10.63
N ILE A 247 9.95 14.31 -10.89
CA ILE A 247 8.94 14.35 -9.83
C ILE A 247 9.26 13.38 -8.69
N ILE A 248 9.77 12.20 -9.02
CA ILE A 248 10.20 11.29 -7.96
C ILE A 248 11.34 11.92 -7.15
N THR A 249 12.31 12.54 -7.82
CA THR A 249 13.42 13.18 -7.13
C THR A 249 12.94 14.27 -6.19
N ARG A 250 11.94 15.02 -6.63
CA ARG A 250 11.36 16.08 -5.79
C ARG A 250 10.71 15.53 -4.52
N MET A 251 10.05 14.38 -4.63
CA MET A 251 9.42 13.78 -3.46
C MET A 251 10.49 13.35 -2.45
N LEU A 252 11.70 13.08 -2.97
CA LEU A 252 12.84 12.67 -2.12
C LEU A 252 13.73 13.85 -1.67
N ASN A 253 13.23 15.06 -1.74
CA ASN A 253 13.99 16.18 -1.21
C ASN A 253 14.16 16.02 0.30
N LEU A 254 15.35 16.37 0.82
CA LEU A 254 15.61 16.38 2.26
C LEU A 254 14.67 17.29 3.07
N LYS A 255 14.29 18.43 2.50
CA LYS A 255 13.41 19.38 3.18
C LYS A 255 11.94 19.06 2.88
N ASP A 256 11.15 18.82 3.90
CA ASP A 256 9.74 18.51 3.65
C ASP A 256 9.02 19.57 2.81
N TYR A 257 9.35 20.85 3.01
CA TYR A 257 8.67 21.92 2.28
C TYR A 257 9.05 22.06 0.80
N HIS A 258 10.11 21.39 0.35
CA HIS A 258 10.40 21.34 -1.09
C HIS A 258 9.70 20.17 -1.80
N ARG A 259 9.24 19.18 -1.04
CA ARG A 259 8.44 18.08 -1.61
C ARG A 259 7.09 18.59 -2.10
N PRO A 260 6.63 18.06 -3.25
CA PRO A 260 5.35 18.54 -3.78
C PRO A 260 4.18 18.07 -2.92
N SER A 261 3.14 18.88 -2.81
CA SER A 261 1.90 18.44 -2.16
C SER A 261 1.16 17.46 -3.07
N VAL A 262 0.13 16.79 -2.53
CA VAL A 262 -0.67 15.93 -3.38
C VAL A 262 -1.22 16.73 -4.57
N GLU A 263 -1.66 17.96 -4.29
CA GLU A 263 -2.18 18.82 -5.35
C GLU A 263 -1.14 19.13 -6.44
N GLU A 264 0.07 19.44 -6.03
CA GLU A 264 1.15 19.74 -6.98
C GLU A 264 1.56 18.50 -7.78
N ILE A 265 1.50 17.33 -7.14
CA ILE A 265 1.79 16.08 -7.85
C ILE A 265 0.77 15.90 -8.97
N LEU A 266 -0.51 15.99 -8.63
CA LEU A 266 -1.59 15.75 -9.60
C LEU A 266 -1.65 16.78 -10.74
N GLU A 267 -1.11 17.97 -10.50
CA GLU A 267 -0.98 18.98 -11.57
C GLU A 267 0.06 18.63 -12.62
N ASN A 268 0.93 17.65 -12.34
CA ASN A 268 2.02 17.37 -13.26
C ASN A 268 1.49 17.00 -14.65
N PRO A 269 2.10 17.55 -15.72
CA PRO A 269 1.72 17.25 -17.10
C PRO A 269 1.72 15.75 -17.42
N LEU A 270 2.55 14.95 -16.73
CA LEU A 270 2.57 13.50 -16.95
C LEU A 270 1.22 12.84 -16.70
N ILE A 271 0.47 13.39 -15.76
CA ILE A 271 -0.71 12.66 -15.25
C ILE A 271 -1.98 12.99 -16.05
N LEU A 272 -2.60 11.96 -16.61
CA LEU A 272 -3.74 12.13 -17.49
C LEU A 272 -4.94 11.30 -17.03
N GLU A 273 -6.09 11.51 -17.66
CA GLU A 273 -7.32 10.87 -17.22
C GLU A 273 -7.17 9.35 -17.18
N HIS A 274 -6.54 8.78 -18.22
CA HIS A 274 -6.45 7.33 -18.29
C HIS A 274 -5.57 6.70 -17.18
N HIS A 275 -4.77 7.51 -16.49
CA HIS A 275 -3.98 7.02 -15.36
C HIS A 275 -4.82 6.87 -14.09
N HIS A 276 -6.03 7.44 -14.10
CA HIS A 276 -6.94 7.38 -12.94
C HIS A 276 -7.72 6.07 -12.92
N HIS A 277 -8.48 5.82 -11.86
CA HIS A 277 -9.24 4.58 -11.76
C HIS A 277 -10.35 4.55 -12.81
N HIS A 278 -10.75 3.34 -13.23
CA HIS A 278 -11.93 3.15 -14.07
C HIS A 278 -12.66 1.88 -13.66
N HIS A 279 -13.98 2.00 -13.51
CA HIS A 279 -14.85 0.89 -13.14
C HIS A 279 -14.98 -0.15 -14.24
C01 ED8 B . 1.52 -14.48 -4.42
N02 ED8 B . 0.99 -13.62 -3.37
C03 ED8 B . 0.85 -12.23 -3.83
C04 ED8 B . -0.08 -11.34 -2.96
C05 ED8 B . -1.46 -11.97 -2.73
O06 ED8 B . -2.27 -11.52 -1.67
C07 ED8 B . -3.50 -10.99 -2.09
C08 ED8 B . -4.13 -11.37 -3.27
C09 ED8 B . -5.46 -10.81 -3.59
C10 ED8 B . -6.08 -9.87 -2.68
N11 ED8 B . -7.30 -9.19 -2.72
C12 ED8 B . -7.42 -8.40 -1.57
N13 ED8 B . -6.30 -8.67 -0.78
C14 ED8 B . -5.90 -8.07 0.37
C15 ED8 B . -4.88 -8.84 1.31
C16 ED8 B . -4.50 -7.78 2.67
O17 ED8 B . -3.57 -8.20 3.65
C18 ED8 B . -2.92 -9.43 3.45
C19 ED8 B . -1.76 -9.52 2.45
C20 ED8 B . -1.06 -8.32 2.15
C21 ED8 B . 0.05 -8.30 1.20
C22 ED8 B . 0.44 -9.60 0.53
C23 ED8 B . -0.24 -10.79 0.82
C24 ED8 B . -1.35 -10.81 1.78
C25 ED8 B . -2.01 -12.14 2.01
F26 ED8 B . -3.22 -12.13 1.44
F27 ED8 B . -1.30 -13.12 1.45
F28 ED8 B . -2.13 -12.42 3.32
C29 ED8 B . -5.27 -6.46 2.47
C30 ED8 B . -5.32 -5.27 3.39
N31 ED8 B . -4.74 -5.38 4.70
O32 ED8 B . -6.09 -4.36 3.14
S33 ED8 B . -6.21 -6.54 0.96
C34 ED8 B . -5.45 -9.52 -1.50
C35 ED8 B . -4.14 -10.06 -1.17
C36 ED8 B . -1.51 -13.45 -3.17
C37 ED8 B . -0.21 -14.18 -2.75
CL CL C . 16.81 -5.24 -14.62
CL CL D . 8.44 2.56 -20.23
C1 EDO E . -8.58 0.46 -18.53
O1 EDO E . -8.08 1.19 -17.41
C2 EDO E . -9.95 -0.11 -18.23
O2 EDO E . -10.01 -0.72 -16.94
C1 EDO F . 14.54 -3.94 -0.17
O1 EDO F . 15.52 -4.09 -1.20
C2 EDO F . 13.19 -3.64 -0.80
O2 EDO F . 12.47 -2.70 0.00
C1 EDO G . 1.20 17.89 2.00
O1 EDO G . 0.86 19.16 1.42
C2 EDO G . 0.95 16.74 1.03
O2 EDO G . -0.21 17.00 0.25
C1 EDO H . 20.62 4.68 -13.69
O1 EDO H . 21.99 4.54 -14.06
C2 EDO H . 20.18 3.30 -13.27
O2 EDO H . 20.94 2.98 -12.09
C1 EDO I . 18.24 11.35 -19.38
O1 EDO I . 17.74 10.22 -20.09
C2 EDO I . 18.74 12.36 -20.40
O2 EDO I . 18.63 13.66 -19.79
C1 EDO J . 5.09 18.94 -9.63
O1 EDO J . 4.25 18.02 -10.31
C2 EDO J . 6.32 18.23 -9.07
O2 EDO J . 7.50 18.92 -9.52
C1 EDO K . -4.92 15.23 -14.73
O1 EDO K . -5.12 14.20 -15.64
C2 EDO K . -4.83 14.54 -13.38
O2 EDO K . -4.49 15.53 -12.45
C1 EDO L . 18.68 3.40 -10.61
O1 EDO L . 17.81 3.95 -9.64
C2 EDO L . 18.42 1.92 -10.80
O2 EDO L . 19.62 1.23 -10.50
C1 EDO M . -17.73 6.90 -11.65
O1 EDO M . -18.43 6.41 -10.51
C2 EDO M . -16.21 6.86 -11.41
O2 EDO M . -15.94 6.37 -10.07
C1 GOL N . -7.07 1.70 8.27
O1 GOL N . -6.00 0.80 8.50
C2 GOL N . -7.07 2.63 9.46
O2 GOL N . -6.63 1.83 10.51
C3 GOL N . -8.44 3.19 9.79
O3 GOL N . -8.29 4.49 10.35
S DMS O . -12.56 1.52 -9.65
O DMS O . -13.68 2.89 -9.45
C1 DMS O . -11.01 1.82 -8.77
C2 DMS O . -13.13 0.01 -8.75
C1 EDO P . -5.28 -6.66 8.05
O1 EDO P . -6.71 -6.67 7.91
C2 EDO P . -4.73 -8.08 8.02
O2 EDO P . -3.82 -8.27 9.12
C1 EDO Q . -4.87 -4.39 12.39
O1 EDO Q . -4.33 -3.07 12.56
C2 EDO Q . -4.18 -5.38 13.32
O2 EDO Q . -2.75 -5.34 13.13
#